data_1WLP
#
_entry.id   1WLP
#
loop_
_entity.id
_entity.type
_entity.pdbx_description
1 polymer 'Cytochrome b-245 light chain'
2 polymer 'Neutrophil cytosol factor 1'
#
loop_
_entity_poly.entity_id
_entity_poly.type
_entity_poly.pdbx_seq_one_letter_code
_entity_poly.pdbx_strand_id
1 'polypeptide(L)' GPLGSKQPPSNPPPRPPAEARKKPS A
2 'polypeptide(L)'
;GSDITGPIILQTYRAIADYEKTSGSEMALSTGDVVEVVEKSESGWWFCQMKAKRGWIPASFLEPLDSPDETEDPEPNYAG
EPYVAIKAYTAVEGDEVSLLEGEAVEVIHKLLDGWWVIRKDDVTGYFPSMYLQKSGQD
;
B
#
# COMPACT_ATOMS: atom_id res chain seq x y z
N GLY A 1 15.11 20.25 -7.77
CA GLY A 1 15.08 19.90 -9.22
C GLY A 1 13.84 19.12 -9.61
N PRO A 2 12.68 19.81 -9.70
CA PRO A 2 11.41 19.16 -10.07
C PRO A 2 11.47 18.50 -11.44
N LEU A 3 11.36 17.18 -11.46
CA LEU A 3 11.40 16.43 -12.71
C LEU A 3 10.08 15.70 -12.95
N GLY A 4 9.12 15.94 -12.06
CA GLY A 4 7.82 15.30 -12.19
C GLY A 4 7.12 15.17 -10.85
N SER A 5 6.98 13.94 -10.37
CA SER A 5 6.33 13.68 -9.09
C SER A 5 7.13 12.68 -8.27
N LYS A 6 6.77 12.54 -7.00
CA LYS A 6 7.46 11.61 -6.11
C LYS A 6 7.30 10.17 -6.59
N GLN A 7 8.39 9.60 -7.09
CA GLN A 7 8.37 8.23 -7.58
C GLN A 7 8.27 7.24 -6.43
N PRO A 8 7.61 6.09 -6.64
CA PRO A 8 7.45 5.07 -5.61
C PRO A 8 8.65 4.11 -5.54
N PRO A 9 8.90 3.53 -4.34
CA PRO A 9 10.01 2.59 -4.15
C PRO A 9 9.98 1.45 -5.16
N SER A 10 11.15 0.90 -5.47
CA SER A 10 11.25 -0.20 -6.43
C SER A 10 10.88 -1.54 -5.80
N ASN A 11 10.50 -1.51 -4.52
CA ASN A 11 10.12 -2.73 -3.82
C ASN A 11 8.85 -2.53 -3.00
N PRO A 12 7.81 -3.34 -3.24
CA PRO A 12 6.53 -3.25 -2.52
C PRO A 12 6.73 -3.25 -1.00
N PRO A 13 5.72 -2.73 -0.25
CA PRO A 13 5.78 -2.68 1.20
C PRO A 13 5.51 -4.05 1.84
N PRO A 14 6.21 -4.38 2.94
CA PRO A 14 6.03 -5.65 3.63
C PRO A 14 4.58 -5.90 4.03
N ARG A 15 4.17 -7.16 4.02
CA ARG A 15 2.81 -7.52 4.38
C ARG A 15 2.44 -6.97 5.76
N PRO A 16 1.12 -6.76 6.01
CA PRO A 16 0.64 -6.23 7.29
C PRO A 16 1.12 -7.06 8.48
N PRO A 17 1.02 -6.52 9.71
CA PRO A 17 1.44 -7.22 10.91
C PRO A 17 0.36 -8.14 11.45
N ALA A 18 0.78 -9.29 11.99
CA ALA A 18 -0.16 -10.26 12.53
C ALA A 18 -1.10 -9.62 13.56
N GLU A 19 -0.56 -8.76 14.39
CA GLU A 19 -1.35 -8.09 15.43
C GLU A 19 -2.49 -7.27 14.81
N ALA A 20 -2.25 -6.76 13.61
CA ALA A 20 -3.25 -5.95 12.92
C ALA A 20 -4.39 -6.79 12.35
N ARG A 21 -4.05 -7.98 11.85
CA ARG A 21 -5.05 -8.87 11.25
C ARG A 21 -5.80 -9.64 12.33
N LYS A 22 -5.06 -10.34 13.19
CA LYS A 22 -5.65 -11.13 14.26
C LYS A 22 -6.56 -10.27 15.14
N LYS A 23 -6.30 -8.97 15.18
CA LYS A 23 -7.10 -8.05 15.97
C LYS A 23 -7.42 -6.79 15.20
N PRO A 24 -8.48 -6.82 14.37
CA PRO A 24 -8.89 -5.65 13.56
C PRO A 24 -9.43 -4.52 14.44
N SER A 25 -10.28 -4.88 15.40
CA SER A 25 -10.87 -3.91 16.31
C SER A 25 -11.53 -2.75 15.54
N GLY B 1 0.90 23.87 20.46
CA GLY B 1 0.96 22.40 20.30
C GLY B 1 -0.29 21.85 19.62
N SER B 2 -1.42 22.51 19.83
CA SER B 2 -2.68 22.09 19.23
C SER B 2 -3.66 23.25 19.14
N ASP B 3 -3.74 23.87 17.97
CA ASP B 3 -4.64 25.00 17.76
C ASP B 3 -6.04 24.51 17.38
N ILE B 4 -6.96 25.45 17.21
CA ILE B 4 -8.33 25.12 16.85
C ILE B 4 -8.40 24.59 15.41
N THR B 5 -9.42 23.78 15.14
CA THR B 5 -9.60 23.21 13.81
C THR B 5 -9.86 24.29 12.78
N GLY B 6 -9.25 24.16 11.60
CA GLY B 6 -9.43 25.14 10.54
C GLY B 6 -8.39 25.00 9.44
N PRO B 7 -7.24 25.69 9.58
CA PRO B 7 -6.17 25.63 8.57
C PRO B 7 -5.40 24.32 8.61
N ILE B 8 -5.87 23.38 9.44
CA ILE B 8 -5.22 22.08 9.57
C ILE B 8 -5.98 21.01 8.80
N ILE B 9 -5.55 20.76 7.55
CA ILE B 9 -6.19 19.75 6.71
C ILE B 9 -5.16 18.76 6.20
N LEU B 10 -4.53 18.05 7.12
CA LEU B 10 -3.52 17.06 6.76
C LEU B 10 -4.03 15.64 7.03
N GLN B 11 -3.30 14.64 6.54
CA GLN B 11 -3.68 13.25 6.74
C GLN B 11 -2.82 12.62 7.82
N THR B 12 -3.30 12.66 9.06
CA THR B 12 -2.57 12.09 10.18
C THR B 12 -2.81 10.59 10.29
N TYR B 13 -1.73 9.84 10.48
CA TYR B 13 -1.81 8.40 10.61
C TYR B 13 -0.88 7.91 11.71
N ARG B 14 -1.23 6.79 12.32
CA ARG B 14 -0.43 6.21 13.39
C ARG B 14 0.06 4.83 13.02
N ALA B 15 1.31 4.54 13.35
CA ALA B 15 1.91 3.24 13.04
C ALA B 15 1.65 2.24 14.17
N ILE B 16 1.83 0.97 13.87
CA ILE B 16 1.60 -0.08 14.85
C ILE B 16 2.66 -1.17 14.77
N ALA B 17 3.67 -0.95 13.94
CA ALA B 17 4.75 -1.92 13.78
C ALA B 17 6.08 -1.23 13.49
N ASP B 18 7.16 -1.89 13.89
CA ASP B 18 8.50 -1.36 13.68
C ASP B 18 9.01 -1.69 12.29
N TYR B 19 8.90 -0.74 11.38
CA TYR B 19 9.34 -0.92 10.01
C TYR B 19 10.56 -0.04 9.74
N GLU B 20 11.71 -0.66 9.51
CA GLU B 20 12.93 0.08 9.25
C GLU B 20 13.28 0.04 7.77
N LYS B 21 12.76 1.01 7.02
CA LYS B 21 12.99 1.09 5.58
C LYS B 21 13.00 -0.30 4.94
N THR B 22 13.80 -0.46 3.88
CA THR B 22 13.91 -1.74 3.19
C THR B 22 14.98 -1.68 2.10
N SER B 23 14.98 -0.58 1.36
CA SER B 23 15.95 -0.38 0.29
C SER B 23 16.59 1.00 0.40
N GLY B 24 17.10 1.52 -0.71
CA GLY B 24 17.73 2.82 -0.71
C GLY B 24 16.73 3.94 -0.81
N SER B 25 15.69 3.90 0.02
CA SER B 25 14.65 4.92 0.02
C SER B 25 13.72 4.73 1.22
N GLU B 26 12.45 5.10 1.07
CA GLU B 26 11.47 4.95 2.13
C GLU B 26 11.88 5.71 3.39
N MET B 27 11.23 5.40 4.50
CA MET B 27 11.53 6.06 5.78
C MET B 27 11.36 5.08 6.95
N ALA B 28 11.96 5.42 8.08
CA ALA B 28 11.88 4.60 9.27
C ALA B 28 10.57 4.81 10.01
N LEU B 29 9.98 3.72 10.49
CA LEU B 29 8.71 3.77 11.22
C LEU B 29 8.81 3.09 12.57
N SER B 30 8.47 3.81 13.62
CA SER B 30 8.51 3.27 14.97
C SER B 30 7.10 3.27 15.59
N THR B 31 6.67 2.10 16.06
CA THR B 31 5.35 1.95 16.67
C THR B 31 5.02 3.10 17.62
N GLY B 32 3.89 3.76 17.40
CA GLY B 32 3.49 4.86 18.24
C GLY B 32 3.67 6.22 17.57
N ASP B 33 4.51 6.25 16.55
CA ASP B 33 4.78 7.49 15.83
C ASP B 33 3.65 7.86 14.88
N VAL B 34 3.52 9.16 14.59
CA VAL B 34 2.48 9.66 13.70
C VAL B 34 3.10 10.30 12.46
N VAL B 35 2.47 10.08 11.31
CA VAL B 35 2.97 10.63 10.05
C VAL B 35 1.92 11.50 9.37
N GLU B 36 2.33 12.68 8.90
CA GLU B 36 1.42 13.59 8.22
C GLU B 36 1.55 13.47 6.70
N VAL B 37 0.89 12.47 6.14
CA VAL B 37 0.92 12.19 4.70
C VAL B 37 0.94 13.47 3.87
N VAL B 38 1.88 13.53 2.93
CA VAL B 38 2.02 14.66 2.03
C VAL B 38 1.44 14.29 0.66
N GLU B 39 1.76 13.08 0.23
CA GLU B 39 1.27 12.56 -1.05
C GLU B 39 0.94 11.07 -0.93
N LYS B 40 -0.02 10.61 -1.71
CA LYS B 40 -0.41 9.20 -1.67
C LYS B 40 -0.63 8.63 -3.06
N SER B 41 -0.53 7.30 -3.18
CA SER B 41 -0.71 6.61 -4.45
C SER B 41 -1.53 5.34 -4.28
N GLU B 42 -1.49 4.45 -5.29
CA GLU B 42 -2.22 3.19 -5.24
C GLU B 42 -1.25 2.01 -5.22
N SER B 43 0.01 2.28 -5.50
CA SER B 43 1.04 1.24 -5.52
C SER B 43 1.19 0.61 -4.14
N GLY B 44 0.54 1.20 -3.15
CA GLY B 44 0.62 0.69 -1.80
C GLY B 44 1.65 1.45 -0.98
N TRP B 45 2.41 2.30 -1.64
CA TRP B 45 3.42 3.11 -0.99
C TRP B 45 2.90 4.52 -0.76
N TRP B 46 3.00 5.00 0.47
CA TRP B 46 2.52 6.33 0.81
C TRP B 46 3.66 7.28 1.17
N PHE B 47 3.49 8.55 0.81
CA PHE B 47 4.48 9.56 1.10
C PHE B 47 4.00 10.43 2.26
N CYS B 48 4.77 10.43 3.35
CA CYS B 48 4.40 11.21 4.54
C CYS B 48 5.61 11.89 5.15
N GLN B 49 5.39 13.09 5.72
CA GLN B 49 6.46 13.84 6.35
C GLN B 49 6.38 13.76 7.86
N MET B 50 7.53 13.47 8.46
CA MET B 50 7.65 13.37 9.91
C MET B 50 8.31 14.61 10.48
N LYS B 51 8.21 14.77 11.80
CA LYS B 51 8.81 15.93 12.49
C LYS B 51 10.22 16.20 11.99
N ALA B 52 10.88 15.16 11.48
CA ALA B 52 12.24 15.29 10.97
C ALA B 52 12.25 15.27 9.44
N LYS B 53 12.20 14.08 8.86
CA LYS B 53 12.22 13.93 7.40
C LYS B 53 11.02 13.12 6.93
N ARG B 54 10.79 13.10 5.62
CA ARG B 54 9.68 12.36 5.04
C ARG B 54 10.18 11.17 4.24
N GLY B 55 9.30 10.59 3.45
CA GLY B 55 9.67 9.45 2.62
C GLY B 55 8.50 8.54 2.29
N TRP B 56 8.78 7.27 2.05
CA TRP B 56 7.75 6.31 1.71
C TRP B 56 7.57 5.29 2.83
N ILE B 57 6.32 5.10 3.27
CA ILE B 57 6.01 4.16 4.33
C ILE B 57 4.88 3.23 3.93
N PRO B 58 4.84 2.01 4.49
CA PRO B 58 3.80 1.01 4.19
C PRO B 58 2.45 1.37 4.79
N ALA B 59 1.47 1.60 3.92
CA ALA B 59 0.11 1.93 4.36
C ALA B 59 -0.46 0.81 5.22
N SER B 60 -0.23 -0.43 4.80
CA SER B 60 -0.71 -1.60 5.53
C SER B 60 -0.25 -1.54 6.99
N PHE B 61 1.05 -1.34 7.18
CA PHE B 61 1.61 -1.26 8.53
C PHE B 61 1.05 -0.06 9.27
N LEU B 62 0.67 0.97 8.51
CA LEU B 62 0.12 2.19 9.09
C LEU B 62 -1.30 1.95 9.60
N GLU B 63 -1.76 2.85 10.47
CA GLU B 63 -3.09 2.75 11.04
C GLU B 63 -3.63 4.16 11.37
N PRO B 64 -4.61 4.65 10.57
CA PRO B 64 -5.21 5.96 10.76
C PRO B 64 -5.20 6.45 12.21
N LEU B 65 -4.61 7.61 12.43
CA LEU B 65 -4.53 8.19 13.76
C LEU B 65 -5.78 9.00 14.08
N ASP B 66 -6.42 9.54 13.05
CA ASP B 66 -7.63 10.34 13.23
C ASP B 66 -8.14 10.88 11.89
N SER B 67 -7.37 10.62 10.83
CA SER B 67 -7.74 11.08 9.49
C SER B 67 -9.21 10.80 9.19
N PRO B 68 -10.04 11.85 9.06
CA PRO B 68 -11.48 11.69 8.77
C PRO B 68 -11.72 10.83 7.54
N ASP B 69 -10.74 10.80 6.63
CA ASP B 69 -10.85 10.01 5.41
C ASP B 69 -10.77 8.52 5.74
N GLU B 70 -9.86 8.17 6.63
CA GLU B 70 -9.67 6.77 7.04
C GLU B 70 -9.26 5.93 5.85
N THR B 71 -8.45 6.52 4.97
CA THR B 71 -7.96 5.84 3.78
C THR B 71 -9.10 5.52 2.82
N GLU B 72 -8.76 5.34 1.54
CA GLU B 72 -9.76 5.01 0.53
C GLU B 72 -10.56 3.78 0.94
N ASP B 73 -11.86 3.81 0.65
CA ASP B 73 -12.74 2.70 0.99
C ASP B 73 -13.25 1.99 -0.26
N PRO B 74 -12.45 1.05 -0.81
CA PRO B 74 -12.83 0.30 -2.00
C PRO B 74 -13.91 -0.74 -1.70
N GLU B 75 -14.31 -1.50 -2.72
CA GLU B 75 -15.32 -2.53 -2.55
C GLU B 75 -14.86 -3.85 -3.14
N PRO B 76 -14.61 -4.87 -2.28
CA PRO B 76 -14.16 -6.19 -2.75
C PRO B 76 -15.23 -6.89 -3.57
N ASN B 77 -15.17 -6.73 -4.89
CA ASN B 77 -16.14 -7.36 -5.78
C ASN B 77 -15.52 -8.55 -6.50
N TYR B 78 -16.19 -9.70 -6.41
CA TYR B 78 -15.70 -10.91 -7.07
C TYR B 78 -15.65 -10.71 -8.57
N ALA B 79 -16.37 -9.71 -9.06
CA ALA B 79 -16.39 -9.40 -10.47
C ALA B 79 -15.00 -9.00 -10.92
N GLY B 80 -14.44 -8.01 -10.23
CA GLY B 80 -13.10 -7.54 -10.52
C GLY B 80 -12.86 -7.22 -11.97
N GLU B 81 -11.62 -6.85 -12.28
CA GLU B 81 -11.22 -6.52 -13.63
C GLU B 81 -9.94 -7.27 -13.98
N PRO B 82 -9.76 -7.65 -15.26
CA PRO B 82 -8.56 -8.38 -15.69
C PRO B 82 -7.32 -7.50 -15.63
N TYR B 83 -6.24 -8.05 -15.10
CA TYR B 83 -4.98 -7.34 -14.99
C TYR B 83 -3.86 -8.22 -15.51
N VAL B 84 -2.87 -7.62 -16.15
CA VAL B 84 -1.76 -8.40 -16.71
C VAL B 84 -0.49 -8.20 -15.91
N ALA B 85 0.12 -9.32 -15.52
CA ALA B 85 1.37 -9.28 -14.76
C ALA B 85 2.42 -8.51 -15.52
N ILE B 86 2.92 -7.43 -14.92
CA ILE B 86 3.93 -6.60 -15.55
C ILE B 86 5.31 -6.83 -14.92
N LYS B 87 5.40 -7.85 -14.07
CA LYS B 87 6.64 -8.18 -13.40
C LYS B 87 6.74 -9.69 -13.14
N ALA B 88 7.96 -10.19 -13.05
CA ALA B 88 8.19 -11.61 -12.81
C ALA B 88 8.37 -11.88 -11.31
N TYR B 89 7.53 -12.75 -10.76
CA TYR B 89 7.59 -13.08 -9.34
C TYR B 89 7.01 -14.47 -9.06
N THR B 90 7.63 -15.18 -8.14
CA THR B 90 7.19 -16.51 -7.77
C THR B 90 6.66 -16.54 -6.34
N ALA B 91 5.49 -17.14 -6.14
CA ALA B 91 4.88 -17.23 -4.83
C ALA B 91 5.85 -17.76 -3.78
N VAL B 92 5.89 -17.08 -2.64
CA VAL B 92 6.76 -17.47 -1.54
C VAL B 92 5.93 -17.90 -0.33
N GLU B 93 4.64 -17.61 -0.39
CA GLU B 93 3.73 -17.96 0.68
C GLU B 93 2.43 -18.52 0.12
N GLY B 94 1.65 -19.19 0.97
CA GLY B 94 0.39 -19.76 0.52
C GLY B 94 -0.59 -18.72 0.01
N ASP B 95 -0.68 -17.59 0.71
CA ASP B 95 -1.60 -16.52 0.31
C ASP B 95 -1.21 -15.89 -1.03
N GLU B 96 0.07 -15.54 -1.17
CA GLU B 96 0.56 -14.91 -2.38
C GLU B 96 0.31 -15.79 -3.61
N VAL B 97 0.41 -15.18 -4.79
CA VAL B 97 0.22 -15.87 -6.06
C VAL B 97 1.55 -16.02 -6.77
N SER B 98 1.53 -16.60 -7.96
CA SER B 98 2.75 -16.79 -8.73
C SER B 98 2.48 -16.46 -10.19
N LEU B 99 3.18 -15.48 -10.72
CA LEU B 99 2.99 -15.04 -12.09
C LEU B 99 4.31 -14.68 -12.76
N LEU B 100 4.30 -14.64 -14.09
CA LEU B 100 5.50 -14.30 -14.85
C LEU B 100 5.28 -12.99 -15.60
N GLU B 101 6.25 -12.62 -16.43
CA GLU B 101 6.17 -11.38 -17.21
C GLU B 101 5.22 -11.54 -18.40
N GLY B 102 3.91 -11.41 -18.14
CA GLY B 102 2.94 -11.52 -19.21
C GLY B 102 1.78 -12.45 -18.87
N GLU B 103 1.83 -13.07 -17.70
CA GLU B 103 0.78 -13.99 -17.27
C GLU B 103 -0.44 -13.22 -16.77
N ALA B 104 -1.42 -13.02 -17.65
CA ALA B 104 -2.65 -12.31 -17.28
C ALA B 104 -3.32 -12.95 -16.08
N VAL B 105 -4.24 -12.20 -15.47
CA VAL B 105 -4.93 -12.68 -14.29
C VAL B 105 -6.20 -11.85 -14.03
N GLU B 106 -7.05 -12.33 -13.13
CA GLU B 106 -8.28 -11.62 -12.81
C GLU B 106 -8.28 -11.14 -11.37
N VAL B 107 -8.27 -9.83 -11.18
CA VAL B 107 -8.26 -9.27 -9.83
C VAL B 107 -9.61 -9.50 -9.15
N ILE B 108 -9.58 -9.75 -7.85
CA ILE B 108 -10.80 -9.99 -7.08
C ILE B 108 -11.02 -8.87 -6.06
N HIS B 109 -9.95 -8.14 -5.76
CA HIS B 109 -10.02 -7.03 -4.81
C HIS B 109 -8.76 -6.18 -4.91
N LYS B 110 -8.94 -4.86 -4.82
CA LYS B 110 -7.84 -3.92 -4.91
C LYS B 110 -7.76 -3.07 -3.64
N LEU B 111 -6.67 -3.22 -2.90
CA LEU B 111 -6.49 -2.48 -1.65
C LEU B 111 -5.26 -1.57 -1.70
N LEU B 112 -5.18 -0.64 -0.75
CA LEU B 112 -4.07 0.31 -0.69
C LEU B 112 -2.86 -0.29 0.02
N ASP B 113 -2.99 -1.50 0.53
CA ASP B 113 -1.89 -2.16 1.22
C ASP B 113 -0.85 -2.66 0.23
N GLY B 114 -0.98 -2.26 -1.03
CA GLY B 114 -0.04 -2.67 -2.05
C GLY B 114 -0.39 -4.04 -2.59
N TRP B 115 0.13 -5.08 -1.95
CA TRP B 115 -0.16 -6.45 -2.36
C TRP B 115 -1.64 -6.63 -2.60
N TRP B 116 -2.03 -6.67 -3.88
CA TRP B 116 -3.42 -6.82 -4.27
C TRP B 116 -3.80 -8.29 -4.31
N VAL B 117 -5.09 -8.57 -4.41
CA VAL B 117 -5.53 -9.95 -4.52
C VAL B 117 -5.76 -10.28 -5.99
N ILE B 118 -5.07 -11.31 -6.48
CA ILE B 118 -5.17 -11.69 -7.87
C ILE B 118 -5.51 -13.16 -8.06
N ARG B 119 -6.51 -13.42 -8.88
CA ARG B 119 -6.94 -14.78 -9.18
C ARG B 119 -6.44 -15.18 -10.58
N LYS B 120 -5.35 -15.94 -10.61
CA LYS B 120 -4.80 -16.39 -11.87
C LYS B 120 -5.18 -17.83 -12.13
N ASP B 121 -5.91 -18.07 -13.22
CA ASP B 121 -6.36 -19.41 -13.57
C ASP B 121 -7.21 -19.98 -12.43
N ASP B 122 -8.05 -19.13 -11.85
CA ASP B 122 -8.92 -19.53 -10.75
C ASP B 122 -8.10 -19.80 -9.49
N VAL B 123 -7.22 -18.86 -9.16
CA VAL B 123 -6.36 -18.98 -7.98
C VAL B 123 -6.14 -17.62 -7.33
N THR B 124 -7.12 -17.16 -6.54
CA THR B 124 -6.98 -15.87 -5.88
C THR B 124 -5.82 -15.90 -4.89
N GLY B 125 -5.02 -14.83 -4.90
CA GLY B 125 -3.87 -14.78 -4.03
C GLY B 125 -3.38 -13.35 -3.82
N TYR B 126 -2.15 -13.20 -3.32
CA TYR B 126 -1.58 -11.88 -3.09
C TYR B 126 -0.44 -11.59 -4.06
N PHE B 127 -0.50 -10.42 -4.69
CA PHE B 127 0.51 -9.99 -5.66
C PHE B 127 0.59 -8.46 -5.66
N PRO B 128 1.79 -7.86 -5.55
CA PRO B 128 1.95 -6.40 -5.52
C PRO B 128 1.12 -5.70 -6.58
N SER B 129 0.52 -4.57 -6.19
CA SER B 129 -0.33 -3.78 -7.07
C SER B 129 0.44 -3.33 -8.31
N MET B 130 1.61 -2.77 -8.10
CA MET B 130 2.44 -2.28 -9.21
C MET B 130 2.91 -3.42 -10.10
N TYR B 131 3.29 -4.54 -9.47
CA TYR B 131 3.77 -5.72 -10.20
C TYR B 131 2.87 -6.08 -11.38
N LEU B 132 1.65 -5.54 -11.40
CA LEU B 132 0.71 -5.80 -12.48
C LEU B 132 -0.03 -4.51 -12.86
N GLN B 133 -0.52 -4.45 -14.10
CA GLN B 133 -1.24 -3.28 -14.58
C GLN B 133 -2.65 -3.64 -15.00
N LYS B 134 -3.48 -2.62 -15.21
CA LYS B 134 -4.87 -2.82 -15.61
C LYS B 134 -4.95 -3.12 -17.11
N SER B 135 -5.85 -4.01 -17.50
CA SER B 135 -6.03 -4.37 -18.90
C SER B 135 -7.38 -5.04 -19.13
N GLY B 136 -8.44 -4.29 -18.86
CA GLY B 136 -9.79 -4.82 -19.04
C GLY B 136 -10.71 -3.85 -19.76
N GLN B 137 -12.01 -4.10 -19.66
CA GLN B 137 -13.01 -3.25 -20.31
C GLN B 137 -12.61 -2.87 -21.73
N ASP B 138 -13.11 -1.75 -22.22
CA ASP B 138 -12.80 -1.28 -23.56
C ASP B 138 -12.13 0.10 -23.52
#